data_3CKX
#
_entry.id   3CKX
#
_cell.length_a   47.369
_cell.length_b   54.766
_cell.length_c   61.136
_cell.angle_alpha   90.000
_cell.angle_beta   114.690
_cell.angle_gamma   90.000
#
_symmetry.space_group_name_H-M   'P 1 21 1'
#
loop_
_entity.id
_entity.type
_entity.pdbx_description
1 polymer 'Serine/threonine-protein kinase 24'
2 non-polymer STAUROSPORINE
3 water water
#
_entity_poly.entity_id   1
_entity_poly.type   'polypeptide(L)'
_entity_poly.pdbx_seq_one_letter_code
;MSLDPEELFTKLEKIGKGSFGEVFKGIDNRTQKVVAIKIIDLEEAEDEIEDIQQEITVLSQCDSPYVTKYYGSYLKDTKL
WIIMEYLGGGSALDLLEPGPLDETQIATILREILKGLDYLHSEKKIHRDIKAANVLLSEHGEVKLADFGVAGQLTDTQIK
RN(TPO)FVGTPFWMAPEVIKQSAYDSKADIWSLGITAIELARGEPPHSELHPMKVLFLIPKNNPPTLEGNYSKPLKEFV
EACLNKEPSFRPTAKELLKHKFILRNAKKTSYLTELIDRYKRWKAEQSHDDSSSEDSDAEEGHHHHHH
;
_entity_poly.pdbx_strand_id   A
#
loop_
_chem_comp.id
_chem_comp.type
_chem_comp.name
_chem_comp.formula
STU non-polymer STAUROSPORINE 'C28 H26 N4 O3'
#
# COMPACT_ATOMS: atom_id res chain seq x y z
N PRO A 5 25.22 4.57 19.62
CA PRO A 5 24.01 5.11 19.00
C PRO A 5 22.83 4.13 19.11
N GLU A 6 21.96 4.12 18.10
CA GLU A 6 20.91 3.11 18.01
C GLU A 6 21.55 1.78 17.62
N GLU A 7 22.31 1.22 18.56
CA GLU A 7 23.06 -0.02 18.32
C GLU A 7 22.44 -1.22 19.04
N LEU A 8 21.12 -1.15 19.22
CA LEU A 8 20.29 -2.32 19.48
C LEU A 8 20.04 -3.02 18.13
N PHE A 9 20.40 -2.35 17.05
CA PHE A 9 20.17 -2.88 15.71
C PHE A 9 21.44 -2.84 14.86
N THR A 10 21.68 -3.92 14.14
CA THR A 10 22.75 -3.95 13.14
C THR A 10 22.16 -3.96 11.73
N LYS A 11 22.65 -3.04 10.90
CA LYS A 11 22.20 -2.93 9.51
C LYS A 11 22.60 -4.15 8.72
N LEU A 12 21.74 -4.56 7.81
CA LEU A 12 22.05 -5.60 6.84
C LEU A 12 22.08 -4.93 5.46
N GLU A 13 21.60 -5.64 4.43
CA GLU A 13 21.57 -5.09 3.09
C GLU A 13 20.54 -3.94 2.96
N LYS A 14 20.85 -2.97 2.11
CA LYS A 14 19.87 -1.95 1.73
C LYS A 14 18.75 -2.65 0.96
N ILE A 15 17.51 -2.36 1.32
CA ILE A 15 16.38 -3.06 0.71
C ILE A 15 15.41 -2.14 -0.04
N GLY A 16 15.64 -0.84 0.05
CA GLY A 16 14.85 0.13 -0.70
C GLY A 16 15.25 1.59 -0.53
N LYS A 17 14.67 2.43 -1.38
CA LYS A 17 14.64 3.88 -1.14
C LYS A 17 13.33 4.43 -1.70
N GLY A 18 12.89 5.56 -1.14
CA GLY A 18 11.73 6.28 -1.65
C GLY A 18 12.12 7.72 -1.89
N SER A 19 11.25 8.64 -1.50
CA SER A 19 11.59 10.06 -1.48
C SER A 19 12.40 10.38 -0.22
N PHE A 20 11.88 9.99 0.95
CA PHE A 20 12.39 10.43 2.25
C PHE A 20 13.85 10.10 2.58
N GLY A 21 14.25 8.84 2.40
CA GLY A 21 15.60 8.42 2.80
C GLY A 21 15.97 7.09 2.18
N GLU A 22 16.17 6.07 3.03
CA GLU A 22 16.36 4.68 2.58
C GLU A 22 16.09 3.59 3.62
N VAL A 23 15.69 2.41 3.13
CA VAL A 23 15.27 1.29 3.96
C VAL A 23 16.31 0.18 3.97
N PHE A 24 16.55 -0.36 5.16
CA PHE A 24 17.50 -1.45 5.34
C PHE A 24 16.85 -2.62 6.03
N LYS A 25 17.37 -3.82 5.77
CA LYS A 25 17.09 -4.96 6.63
C LYS A 25 18.02 -4.78 7.82
N GLY A 26 17.61 -5.31 8.97
CA GLY A 26 18.40 -5.20 10.19
C GLY A 26 18.06 -6.31 11.16
N ILE A 27 18.68 -6.28 12.33
CA ILE A 27 18.37 -7.21 13.41
C ILE A 27 18.34 -6.47 14.75
N ASP A 28 17.31 -6.74 15.55
CA ASP A 28 17.29 -6.27 16.94
C ASP A 28 18.19 -7.16 17.79
N ASN A 29 19.37 -6.63 18.13
CA ASN A 29 20.39 -7.36 18.88
C ASN A 29 19.98 -7.77 20.31
N ARG A 30 18.70 -7.63 20.65
CA ARG A 30 18.18 -8.10 21.93
C ARG A 30 17.29 -9.34 21.80
N THR A 31 16.73 -9.57 20.60
CA THR A 31 15.84 -10.70 20.33
C THR A 31 16.21 -11.49 19.07
N GLN A 32 17.23 -11.01 18.36
CA GLN A 32 17.68 -11.54 17.05
C GLN A 32 16.61 -11.69 15.97
N LYS A 33 15.53 -10.90 16.08
CA LYS A 33 14.50 -10.90 15.03
C LYS A 33 14.91 -9.98 13.88
N VAL A 34 14.57 -10.39 12.65
CA VAL A 34 14.85 -9.58 11.47
C VAL A 34 13.89 -8.38 11.41
N VAL A 35 14.45 -7.18 11.29
CA VAL A 35 13.65 -5.94 11.22
C VAL A 35 13.93 -5.12 9.96
N ALA A 36 13.06 -4.16 9.69
CA ALA A 36 13.20 -3.23 8.57
C ALA A 36 13.43 -1.82 9.11
N ILE A 37 14.52 -1.21 8.69
CA ILE A 37 14.96 0.06 9.26
C ILE A 37 14.96 1.22 8.24
N LYS A 38 13.99 2.11 8.36
CA LYS A 38 13.95 3.33 7.57
C LYS A 38 14.95 4.32 8.17
N ILE A 39 15.85 4.83 7.34
CA ILE A 39 16.85 5.80 7.79
C ILE A 39 16.71 7.11 7.04
N ILE A 40 16.64 8.20 7.80
CA ILE A 40 16.46 9.53 7.21
C ILE A 40 17.42 10.54 7.84
N ASP A 41 18.25 11.16 7.01
CA ASP A 41 19.07 12.29 7.46
C ASP A 41 18.18 13.52 7.54
N LEU A 42 18.06 14.07 8.75
CA LEU A 42 17.12 15.15 9.02
C LEU A 42 17.59 16.53 8.52
N GLU A 43 18.77 16.61 7.90
CA GLU A 43 19.23 17.86 7.27
C GLU A 43 18.45 18.13 5.99
N GLU A 44 17.31 18.82 6.15
CA GLU A 44 16.35 19.15 5.10
C GLU A 44 15.66 17.93 4.51
N ASP A 47 12.72 19.93 5.31
CA ASP A 47 11.74 20.33 4.30
C ASP A 47 10.56 19.36 4.23
N GLU A 48 10.84 18.06 4.36
CA GLU A 48 9.82 17.03 4.33
C GLU A 48 9.55 16.44 5.73
N ILE A 49 10.06 17.11 6.76
CA ILE A 49 10.11 16.58 8.13
C ILE A 49 8.73 16.37 8.78
N GLU A 50 7.77 17.23 8.44
CA GLU A 50 6.40 17.11 8.94
C GLU A 50 5.73 15.84 8.41
N ASP A 51 6.13 15.42 7.21
CA ASP A 51 5.64 14.20 6.60
C ASP A 51 6.42 12.98 7.10
N ILE A 52 7.54 13.24 7.76
CA ILE A 52 8.30 12.19 8.44
C ILE A 52 7.70 11.95 9.82
N GLN A 53 7.36 13.03 10.53
CA GLN A 53 6.68 12.96 11.81
C GLN A 53 5.35 12.19 11.71
N GLN A 54 4.56 12.51 10.68
CA GLN A 54 3.24 11.88 10.48
C GLN A 54 3.34 10.39 10.18
N GLU A 55 4.43 9.98 9.52
CA GLU A 55 4.68 8.58 9.29
C GLU A 55 4.80 7.84 10.62
N ILE A 56 5.70 8.29 11.49
CA ILE A 56 5.92 7.64 12.80
C ILE A 56 4.73 7.79 13.76
N THR A 57 4.10 8.96 13.75
CA THR A 57 2.93 9.20 14.59
C THR A 57 1.73 8.28 14.25
N VAL A 58 1.51 8.00 12.97
CA VAL A 58 0.50 7.01 12.55
C VAL A 58 0.95 5.60 12.88
N LEU A 59 2.14 5.20 12.40
CA LEU A 59 2.68 3.87 12.67
C LEU A 59 2.58 3.49 14.15
N SER A 60 2.99 4.41 15.03
CA SER A 60 2.91 4.19 16.47
C SER A 60 1.51 3.83 16.92
N GLN A 61 0.52 4.50 16.31
CA GLN A 61 -0.90 4.35 16.67
C GLN A 61 -1.63 3.20 15.96
N CYS A 62 -0.92 2.44 15.13
CA CYS A 62 -1.52 1.30 14.41
C CYS A 62 -1.22 -0.03 15.09
N ASP A 63 -2.25 -0.83 15.28
CA ASP A 63 -2.08 -2.16 15.82
C ASP A 63 -2.96 -3.16 15.08
N SER A 64 -2.38 -3.77 14.05
CA SER A 64 -3.07 -4.75 13.21
C SER A 64 -2.05 -5.65 12.54
N PRO A 65 -2.39 -6.95 12.36
CA PRO A 65 -1.55 -7.86 11.58
C PRO A 65 -1.57 -7.59 10.05
N TYR A 66 -2.26 -6.53 9.63
CA TYR A 66 -2.35 -6.15 8.22
C TYR A 66 -1.61 -4.86 7.94
N VAL A 67 -1.02 -4.29 8.99
CA VAL A 67 -0.26 -3.06 8.91
C VAL A 67 1.13 -3.29 9.51
N THR A 68 2.17 -2.82 8.83
CA THR A 68 3.56 -3.01 9.28
C THR A 68 3.78 -2.42 10.67
N LYS A 69 4.14 -3.29 11.60
CA LYS A 69 4.30 -2.94 13.03
C LYS A 69 5.32 -1.82 13.18
N TYR A 70 5.37 -1.23 14.39
CA TYR A 70 6.32 -0.16 14.69
C TYR A 70 6.98 -0.39 16.04
N TYR A 71 8.32 -0.30 16.03
CA TYR A 71 9.12 -0.64 17.20
C TYR A 71 9.80 0.59 17.79
N GLY A 72 9.91 1.65 16.99
CA GLY A 72 10.38 2.92 17.52
C GLY A 72 11.33 3.63 16.59
N SER A 73 11.60 4.89 16.93
CA SER A 73 12.48 5.72 16.13
C SER A 73 13.68 6.13 16.98
N TYR A 74 14.84 6.24 16.34
CA TYR A 74 16.06 6.59 17.05
C TYR A 74 16.79 7.72 16.35
N LEU A 75 17.74 8.32 17.08
CA LEU A 75 18.51 9.42 16.55
C LEU A 75 20.00 9.11 16.67
N LYS A 76 20.65 8.93 15.53
CA LYS A 76 22.11 8.90 15.47
C LYS A 76 22.58 10.15 14.74
N ASP A 77 23.13 11.09 15.50
CA ASP A 77 23.57 12.40 15.02
C ASP A 77 22.44 13.16 14.28
N THR A 78 22.33 12.93 12.98
CA THR A 78 21.30 13.56 12.14
C THR A 78 20.38 12.48 11.54
N LYS A 79 20.90 11.26 11.45
CA LYS A 79 20.16 10.15 10.88
C LYS A 79 19.02 9.69 11.83
N LEU A 80 17.81 9.61 11.29
CA LEU A 80 16.64 9.09 12.00
C LEU A 80 16.39 7.63 11.59
N TRP A 81 16.25 6.76 12.57
CA TRP A 81 16.10 5.34 12.32
C TRP A 81 14.72 4.87 12.73
N ILE A 82 13.84 4.67 11.76
CA ILE A 82 12.53 4.11 12.04
C ILE A 82 12.60 2.59 11.87
N ILE A 83 12.21 1.90 12.95
CA ILE A 83 12.31 0.44 13.04
C ILE A 83 10.92 -0.15 12.85
N MET A 84 10.78 -1.05 11.88
CA MET A 84 9.48 -1.67 11.62
C MET A 84 9.56 -3.12 11.13
N GLU A 85 8.43 -3.81 11.23
CA GLU A 85 8.28 -5.20 10.81
C GLU A 85 8.91 -5.44 9.42
N TYR A 86 9.73 -6.48 9.32
CA TYR A 86 10.37 -6.88 8.05
C TYR A 86 9.47 -7.81 7.26
N LEU A 87 9.39 -7.59 5.96
CA LEU A 87 8.53 -8.39 5.11
C LEU A 87 9.31 -8.94 3.92
N GLY A 88 9.78 -10.17 4.06
CA GLY A 88 10.76 -10.77 3.13
C GLY A 88 10.27 -11.11 1.74
N GLY A 89 8.96 -11.21 1.57
CA GLY A 89 8.36 -11.39 0.24
C GLY A 89 8.47 -10.10 -0.55
N GLY A 90 8.59 -8.98 0.16
CA GLY A 90 8.71 -7.68 -0.45
C GLY A 90 7.41 -7.25 -1.10
N SER A 91 7.51 -6.34 -2.05
CA SER A 91 6.34 -5.70 -2.63
C SER A 91 5.57 -6.62 -3.55
N ALA A 92 4.26 -6.46 -3.54
CA ALA A 92 3.39 -7.08 -4.52
C ALA A 92 3.76 -6.64 -5.93
N LEU A 93 4.26 -5.41 -6.07
CA LEU A 93 4.65 -4.89 -7.38
C LEU A 93 5.77 -5.71 -7.97
N ASP A 94 6.81 -5.93 -7.15
CA ASP A 94 7.95 -6.72 -7.58
C ASP A 94 7.51 -8.13 -7.95
N LEU A 95 6.59 -8.68 -7.16
CA LEU A 95 6.03 -10.01 -7.45
C LEU A 95 5.30 -10.10 -8.79
N LEU A 96 4.87 -8.97 -9.34
CA LEU A 96 4.17 -8.97 -10.65
C LEU A 96 5.11 -9.21 -11.83
N GLU A 97 6.29 -8.58 -11.76
CA GLU A 97 7.37 -8.73 -12.74
C GLU A 97 7.47 -10.07 -13.50
N PRO A 98 7.60 -11.20 -12.79
CA PRO A 98 7.75 -12.49 -13.50
C PRO A 98 6.70 -12.78 -14.57
N GLY A 99 5.46 -12.37 -14.33
CA GLY A 99 4.37 -12.63 -15.24
C GLY A 99 3.04 -12.41 -14.56
N PRO A 100 1.94 -12.61 -15.30
CA PRO A 100 0.64 -12.30 -14.71
C PRO A 100 0.28 -13.20 -13.54
N LEU A 101 -0.57 -12.68 -12.64
CA LEU A 101 -1.15 -13.42 -11.52
C LEU A 101 -2.43 -14.12 -11.94
N ASP A 102 -2.87 -15.12 -11.18
CA ASP A 102 -4.19 -15.70 -11.40
C ASP A 102 -5.20 -15.07 -10.44
N GLU A 103 -6.49 -15.31 -10.68
CA GLU A 103 -7.54 -14.59 -10.00
C GLU A 103 -7.66 -14.92 -8.51
N THR A 104 -7.16 -16.07 -8.12
CA THR A 104 -7.11 -16.46 -6.71
C THR A 104 -6.06 -15.60 -5.99
N GLN A 105 -4.88 -15.51 -6.60
CA GLN A 105 -3.78 -14.70 -6.08
C GLN A 105 -4.18 -13.23 -5.95
N ILE A 106 -4.86 -12.72 -6.97
CA ILE A 106 -5.37 -11.34 -6.99
C ILE A 106 -6.38 -11.13 -5.86
N ALA A 107 -7.37 -12.02 -5.78
CA ALA A 107 -8.42 -11.99 -4.75
C ALA A 107 -7.86 -12.07 -3.34
N THR A 108 -6.91 -12.98 -3.15
CA THR A 108 -6.30 -13.22 -1.84
C THR A 108 -5.55 -11.98 -1.34
N ILE A 109 -4.72 -11.40 -2.21
CA ILE A 109 -3.95 -10.20 -1.89
C ILE A 109 -4.88 -9.02 -1.60
N LEU A 110 -5.96 -8.93 -2.35
CA LEU A 110 -6.91 -7.84 -2.19
C LEU A 110 -7.66 -7.92 -0.86
N ARG A 111 -8.08 -9.12 -0.52
CA ARG A 111 -8.75 -9.41 0.77
C ARG A 111 -7.91 -8.90 1.95
N GLU A 112 -6.60 -9.08 1.85
CA GLU A 112 -5.67 -8.70 2.91
C GLU A 112 -5.42 -7.20 2.93
N ILE A 113 -5.51 -6.59 1.75
CA ILE A 113 -5.49 -5.13 1.68
C ILE A 113 -6.81 -4.65 2.27
N LEU A 114 -7.90 -5.25 1.79
CA LEU A 114 -9.23 -4.90 2.29
C LEU A 114 -9.34 -5.01 3.81
N LYS A 115 -8.75 -6.06 4.37
CA LYS A 115 -8.72 -6.22 5.82
C LYS A 115 -7.91 -5.09 6.46
N GLY A 116 -6.81 -4.72 5.80
CA GLY A 116 -5.93 -3.65 6.27
C GLY A 116 -6.61 -2.30 6.23
N LEU A 117 -7.20 -1.96 5.08
CA LEU A 117 -7.90 -0.70 4.93
C LEU A 117 -9.03 -0.59 5.96
N ASP A 118 -9.78 -1.67 6.13
CA ASP A 118 -10.82 -1.68 7.14
C ASP A 118 -10.32 -1.28 8.53
N TYR A 119 -9.15 -1.80 8.92
CA TYR A 119 -8.58 -1.38 10.20
C TYR A 119 -8.33 0.12 10.20
N LEU A 120 -7.59 0.60 9.20
CA LEU A 120 -7.21 2.02 9.12
C LEU A 120 -8.44 2.91 9.14
N HIS A 121 -9.41 2.60 8.31
CA HIS A 121 -10.61 3.43 8.17
C HIS A 121 -11.48 3.40 9.42
N SER A 122 -11.50 2.27 10.13
CA SER A 122 -12.18 2.21 11.42
C SER A 122 -11.40 3.01 12.47
N GLU A 123 -10.09 3.12 12.29
CA GLU A 123 -9.25 3.92 13.19
C GLU A 123 -9.18 5.39 12.77
N LYS A 124 -10.07 5.76 11.86
CA LYS A 124 -10.19 7.12 11.32
C LYS A 124 -8.97 7.54 10.46
N LYS A 125 -8.27 6.56 9.91
CA LYS A 125 -7.04 6.81 9.15
C LYS A 125 -7.19 6.45 7.66
N ILE A 126 -6.77 7.38 6.79
CA ILE A 126 -6.74 7.13 5.35
C ILE A 126 -5.28 6.97 4.92
N HIS A 127 -5.00 5.89 4.20
CA HIS A 127 -3.62 5.60 3.80
C HIS A 127 -3.13 6.61 2.77
N ARG A 128 -4.03 6.97 1.86
CA ARG A 128 -3.78 7.99 0.83
C ARG A 128 -2.68 7.62 -0.17
N ASP A 129 -2.31 6.35 -0.22
CA ASP A 129 -1.30 5.90 -1.17
C ASP A 129 -1.27 4.40 -1.35
N ILE A 130 -2.38 3.85 -1.83
CA ILE A 130 -2.48 2.43 -2.11
C ILE A 130 -2.07 2.10 -3.55
N LYS A 131 -0.88 1.52 -3.66
CA LYS A 131 -0.39 0.92 -4.89
C LYS A 131 0.21 -0.44 -4.53
N ALA A 132 0.33 -1.33 -5.52
CA ALA A 132 0.91 -2.65 -5.29
C ALA A 132 2.31 -2.57 -4.68
N ALA A 133 2.98 -1.44 -4.92
CA ALA A 133 4.30 -1.19 -4.36
C ALA A 133 4.29 -1.13 -2.84
N ASN A 134 3.28 -0.48 -2.27
CA ASN A 134 3.21 -0.31 -0.81
C ASN A 134 2.54 -1.48 -0.10
N VAL A 135 2.25 -2.53 -0.87
CA VAL A 135 1.74 -3.78 -0.32
C VAL A 135 2.91 -4.75 -0.21
N LEU A 136 3.23 -5.14 1.02
CA LEU A 136 4.35 -6.05 1.24
C LEU A 136 3.88 -7.40 1.78
N LEU A 137 4.63 -8.45 1.42
CA LEU A 137 4.31 -9.83 1.79
C LEU A 137 5.38 -10.40 2.71
N SER A 138 4.94 -11.05 3.80
CA SER A 138 5.88 -11.77 4.66
C SER A 138 6.29 -13.05 3.97
N GLU A 139 7.49 -13.54 4.26
CA GLU A 139 8.03 -14.77 3.65
C GLU A 139 7.02 -15.94 3.59
N HIS A 140 6.15 -16.02 4.59
CA HIS A 140 5.07 -17.04 4.67
C HIS A 140 3.80 -16.61 3.91
N GLY A 141 3.80 -15.39 3.39
CA GLY A 141 2.70 -14.92 2.52
C GLY A 141 1.70 -13.94 3.11
N GLU A 142 1.90 -13.53 4.36
CA GLU A 142 1.03 -12.53 4.98
C GLU A 142 1.17 -11.21 4.23
N VAL A 143 0.03 -10.55 3.99
CA VAL A 143 -0.01 -9.34 3.15
C VAL A 143 -0.28 -8.10 4.00
N LYS A 144 0.67 -7.17 4.04
CA LYS A 144 0.58 -5.97 4.90
C LYS A 144 0.86 -4.66 4.17
N LEU A 145 0.21 -3.60 4.63
CA LEU A 145 0.39 -2.27 4.04
C LEU A 145 1.59 -1.56 4.62
N ALA A 146 2.27 -0.80 3.76
CA ALA A 146 3.49 -0.09 4.17
C ALA A 146 3.47 1.37 3.72
N ASP A 147 4.52 2.10 4.11
CA ASP A 147 4.74 3.49 3.71
C ASP A 147 3.59 4.41 4.09
N PHE A 148 3.60 4.89 5.33
CA PHE A 148 2.56 5.79 5.83
C PHE A 148 3.00 7.26 5.76
N GLY A 149 3.90 7.54 4.83
CA GLY A 149 4.52 8.85 4.67
C GLY A 149 3.51 9.96 4.42
N VAL A 150 2.41 9.61 3.75
CA VAL A 150 1.38 10.58 3.37
C VAL A 150 0.02 10.30 4.01
N ALA A 151 -0.01 9.31 4.91
CA ALA A 151 -1.22 8.94 5.66
C ALA A 151 -1.86 10.15 6.35
N GLY A 152 -3.19 10.28 6.21
CA GLY A 152 -3.95 11.38 6.80
C GLY A 152 -4.85 10.94 7.95
N GLN A 153 -5.14 11.88 8.85
CA GLN A 153 -5.92 11.56 10.05
C GLN A 153 -7.26 12.30 10.12
N LEU A 154 -8.33 11.51 10.12
CA LEU A 154 -9.66 12.05 10.37
C LEU A 154 -9.89 12.04 11.88
N THR A 155 -10.50 13.11 12.37
CA THR A 155 -10.87 13.19 13.77
C THR A 155 -12.38 13.44 13.85
N ASP A 156 -12.92 13.49 15.05
CA ASP A 156 -14.35 13.78 15.22
C ASP A 156 -14.70 15.19 14.71
N THR A 157 -13.71 16.08 14.65
CA THR A 157 -13.87 17.40 14.02
C THR A 157 -13.59 17.34 12.52
N GLN A 158 -12.35 17.03 12.13
CA GLN A 158 -11.95 16.97 10.72
C GLN A 158 -12.53 15.73 10.03
N ILE A 159 -13.79 15.85 9.61
CA ILE A 159 -14.53 14.76 8.95
C ILE A 159 -13.97 14.42 7.57
N LYS A 160 -13.24 15.37 6.97
CA LYS A 160 -12.65 15.21 5.64
C LYS A 160 -11.26 15.86 5.57
N ARG A 161 -10.44 15.43 4.62
CA ARG A 161 -9.14 16.06 4.35
C ARG A 161 -9.21 16.78 3.01
N ASN A 162 -8.24 17.65 2.75
CA ASN A 162 -8.20 18.39 1.48
C ASN A 162 -6.88 18.27 0.73
N TPO A 163 -5.82 17.88 1.43
CA TPO A 163 -4.45 17.83 0.88
CB TPO A 163 -3.47 17.32 1.92
CG2 TPO A 163 -2.02 17.50 1.47
OG1 TPO A 163 -3.64 18.08 3.11
P TPO A 163 -3.94 17.35 4.52
O1P TPO A 163 -3.70 18.45 5.53
O2P TPO A 163 -5.37 16.90 4.39
O3P TPO A 163 -2.94 16.22 4.61
C TPO A 163 -4.29 17.01 -0.35
O TPO A 163 -4.79 15.88 -0.43
N PHE A 164 -3.61 17.60 -1.35
CA PHE A 164 -3.27 16.93 -2.61
C PHE A 164 -2.09 16.02 -2.36
N VAL A 165 -2.37 14.72 -2.21
CA VAL A 165 -1.29 13.77 -1.93
C VAL A 165 -1.55 12.35 -2.45
N GLY A 166 -0.47 11.62 -2.70
CA GLY A 166 -0.56 10.27 -3.24
C GLY A 166 0.32 10.11 -4.47
N THR A 167 0.15 8.98 -5.16
CA THR A 167 0.84 8.72 -6.40
C THR A 167 -0.20 8.89 -7.48
N PRO A 168 0.09 9.77 -8.46
CA PRO A 168 -0.90 10.18 -9.45
C PRO A 168 -1.81 9.07 -9.99
N PHE A 169 -1.24 7.98 -10.51
CA PHE A 169 -2.04 6.90 -11.17
C PHE A 169 -3.08 6.25 -10.26
N TRP A 170 -2.80 6.22 -8.96
CA TRP A 170 -3.65 5.56 -7.98
C TRP A 170 -4.49 6.59 -7.20
N MET A 171 -4.51 7.82 -7.69
CA MET A 171 -5.19 8.93 -7.01
C MET A 171 -6.64 9.07 -7.43
N ALA A 172 -7.46 9.46 -6.46
CA ALA A 172 -8.91 9.60 -6.61
C ALA A 172 -9.25 10.98 -7.15
N PRO A 173 -10.31 11.07 -7.98
CA PRO A 173 -10.63 12.36 -8.59
C PRO A 173 -10.75 13.44 -7.55
N GLU A 174 -11.46 13.13 -6.46
CA GLU A 174 -11.76 14.12 -5.43
C GLU A 174 -10.51 14.65 -4.73
N VAL A 175 -9.47 13.83 -4.63
CA VAL A 175 -8.25 14.24 -3.94
C VAL A 175 -7.32 15.04 -4.84
N ILE A 176 -7.26 14.64 -6.11
CA ILE A 176 -6.59 15.44 -7.13
C ILE A 176 -7.23 16.83 -7.18
N LYS A 177 -8.57 16.88 -7.20
CA LYS A 177 -9.29 18.15 -7.30
C LYS A 177 -9.39 18.96 -5.99
N GLN A 178 -8.64 18.55 -4.98
CA GLN A 178 -8.64 19.20 -3.65
C GLN A 178 -10.02 19.24 -2.98
N SER A 179 -10.97 18.44 -3.48
CA SER A 179 -12.29 18.34 -2.87
C SER A 179 -12.16 17.71 -1.49
N ALA A 180 -13.10 18.00 -0.61
CA ALA A 180 -13.11 17.38 0.71
C ALA A 180 -13.31 15.88 0.55
N TYR A 181 -12.32 15.12 0.99
CA TYR A 181 -12.33 13.66 0.83
C TYR A 181 -12.13 12.92 2.15
N ASP A 182 -12.52 11.66 2.16
CA ASP A 182 -12.35 10.78 3.32
C ASP A 182 -11.73 9.43 2.92
N SER A 183 -12.02 8.39 3.70
CA SER A 183 -11.41 7.09 3.50
C SER A 183 -11.73 6.49 2.13
N LYS A 184 -12.91 6.83 1.61
CA LYS A 184 -13.35 6.38 0.29
C LYS A 184 -12.32 6.58 -0.82
N ALA A 185 -11.46 7.57 -0.66
CA ALA A 185 -10.34 7.77 -1.56
C ALA A 185 -9.52 6.49 -1.71
N ASP A 186 -9.20 5.84 -0.58
CA ASP A 186 -8.47 4.56 -0.55
C ASP A 186 -9.21 3.44 -1.31
N ILE A 187 -10.54 3.49 -1.31
CA ILE A 187 -11.36 2.53 -2.04
C ILE A 187 -11.09 2.67 -3.54
N TRP A 188 -11.05 3.92 -4.02
CA TRP A 188 -10.67 4.20 -5.39
C TRP A 188 -9.28 3.65 -5.72
N SER A 189 -8.30 3.96 -4.87
CA SER A 189 -6.93 3.53 -5.08
C SER A 189 -6.88 2.02 -5.15
N LEU A 190 -7.62 1.37 -4.26
CA LEU A 190 -7.71 -0.08 -4.20
C LEU A 190 -8.29 -0.67 -5.48
N GLY A 191 -9.14 0.10 -6.15
CA GLY A 191 -9.71 -0.31 -7.43
C GLY A 191 -8.67 -0.23 -8.52
N ILE A 192 -7.82 0.79 -8.45
CA ILE A 192 -6.70 0.92 -9.37
C ILE A 192 -5.66 -0.15 -9.05
N THR A 193 -5.44 -0.39 -7.76
CA THR A 193 -4.57 -1.45 -7.29
C THR A 193 -5.09 -2.82 -7.73
N ALA A 194 -6.41 -2.99 -7.72
CA ALA A 194 -7.03 -4.20 -8.25
C ALA A 194 -6.64 -4.39 -9.70
N ILE A 195 -6.75 -3.31 -10.49
CA ILE A 195 -6.37 -3.34 -11.91
C ILE A 195 -4.89 -3.69 -12.05
N GLU A 196 -4.03 -2.91 -11.40
CA GLU A 196 -2.59 -3.18 -11.31
C GLU A 196 -2.29 -4.67 -11.13
N LEU A 197 -2.78 -5.24 -10.03
CA LEU A 197 -2.61 -6.67 -9.75
C LEU A 197 -3.02 -7.58 -10.91
N ALA A 198 -4.17 -7.29 -11.52
CA ALA A 198 -4.70 -8.07 -12.64
C ALA A 198 -3.93 -7.90 -13.96
N ARG A 199 -3.29 -6.75 -14.13
CA ARG A 199 -2.72 -6.33 -15.41
C ARG A 199 -1.23 -6.03 -15.36
N GLY A 200 -0.71 -5.79 -14.15
CA GLY A 200 0.71 -5.48 -13.94
C GLY A 200 1.05 -4.00 -14.03
N GLU A 201 0.05 -3.19 -14.36
CA GLU A 201 0.23 -1.77 -14.58
C GLU A 201 -1.10 -1.07 -14.35
N PRO A 202 -1.09 0.12 -13.72
CA PRO A 202 -2.31 0.88 -13.49
C PRO A 202 -2.73 1.59 -14.78
N PRO A 203 -4.02 1.95 -14.91
CA PRO A 203 -4.44 2.61 -16.15
C PRO A 203 -3.69 3.93 -16.35
N HIS A 204 -3.28 4.18 -17.60
CA HIS A 204 -2.55 5.41 -17.99
C HIS A 204 -1.04 5.36 -17.74
N SER A 205 -0.53 4.25 -17.19
CA SER A 205 0.88 4.17 -16.77
C SER A 205 1.93 4.51 -17.85
N GLU A 206 1.51 4.53 -19.11
CA GLU A 206 2.39 4.92 -20.22
C GLU A 206 2.56 6.44 -20.31
N LEU A 207 1.60 7.18 -19.75
CA LEU A 207 1.58 8.63 -19.83
C LEU A 207 2.32 9.33 -18.69
N HIS A 208 2.62 10.61 -18.89
CA HIS A 208 3.25 11.45 -17.87
C HIS A 208 2.24 11.83 -16.78
N PRO A 209 2.62 11.71 -15.48
CA PRO A 209 1.71 11.95 -14.34
C PRO A 209 0.87 13.23 -14.41
N MET A 210 1.39 14.28 -15.05
CA MET A 210 0.65 15.55 -15.18
C MET A 210 -0.58 15.42 -16.07
N LYS A 211 -0.39 14.82 -17.25
CA LYS A 211 -1.48 14.49 -18.16
C LYS A 211 -2.55 13.69 -17.41
N VAL A 212 -2.09 12.74 -16.61
CA VAL A 212 -2.95 11.88 -15.79
C VAL A 212 -3.80 12.68 -14.82
N LEU A 213 -3.27 13.76 -14.28
CA LEU A 213 -3.96 14.55 -13.26
C LEU A 213 -5.16 15.33 -13.82
N PHE A 214 -5.27 15.38 -15.14
CA PHE A 214 -6.46 15.95 -15.75
C PHE A 214 -7.33 14.87 -16.38
N LEU A 215 -6.73 13.72 -16.67
CA LEU A 215 -7.46 12.59 -17.26
C LEU A 215 -8.32 11.84 -16.24
N ILE A 216 -7.80 11.67 -15.03
CA ILE A 216 -8.61 11.06 -13.97
C ILE A 216 -9.92 11.84 -13.78
N PRO A 217 -9.85 13.14 -13.40
CA PRO A 217 -11.09 13.87 -13.12
C PRO A 217 -12.01 14.04 -14.33
N LYS A 218 -11.45 14.33 -15.49
CA LYS A 218 -12.23 14.55 -16.71
C LYS A 218 -12.88 13.27 -17.23
N ASN A 219 -12.09 12.21 -17.42
CA ASN A 219 -12.64 10.94 -17.91
C ASN A 219 -13.54 10.29 -16.87
N ASN A 220 -14.29 9.28 -17.32
CA ASN A 220 -15.01 8.41 -16.42
C ASN A 220 -14.07 7.33 -15.88
N PRO A 221 -14.51 6.56 -14.85
CA PRO A 221 -13.56 5.68 -14.19
C PRO A 221 -12.95 4.68 -15.16
N PRO A 222 -11.71 4.23 -14.90
CA PRO A 222 -11.14 3.15 -15.68
C PRO A 222 -11.95 1.86 -15.49
N THR A 223 -11.92 0.97 -16.48
CA THR A 223 -12.51 -0.36 -16.30
C THR A 223 -11.48 -1.44 -16.58
N LEU A 224 -11.77 -2.67 -16.13
CA LEU A 224 -10.89 -3.81 -16.32
C LEU A 224 -11.29 -4.59 -17.56
N GLU A 225 -10.56 -4.35 -18.64
CA GLU A 225 -10.81 -5.02 -19.90
C GLU A 225 -9.87 -6.21 -20.04
N GLY A 226 -10.35 -7.26 -20.69
CA GLY A 226 -9.59 -8.49 -20.84
C GLY A 226 -10.33 -9.71 -20.35
N ASN A 227 -9.60 -10.82 -20.19
CA ASN A 227 -10.22 -12.10 -19.93
C ASN A 227 -10.40 -12.41 -18.45
N TYR A 228 -10.96 -11.45 -17.74
CA TYR A 228 -11.20 -11.55 -16.30
C TYR A 228 -12.66 -11.82 -16.02
N SER A 229 -12.94 -12.66 -15.02
CA SER A 229 -14.31 -13.04 -14.67
C SER A 229 -15.14 -11.82 -14.25
N LYS A 230 -16.43 -11.87 -14.56
CA LYS A 230 -17.37 -10.80 -14.25
C LYS A 230 -17.18 -10.20 -12.84
N PRO A 231 -17.17 -11.04 -11.77
CA PRO A 231 -17.05 -10.50 -10.42
C PRO A 231 -15.81 -9.63 -10.20
N LEU A 232 -14.67 -10.07 -10.71
CA LEU A 232 -13.45 -9.26 -10.70
C LEU A 232 -13.68 -7.91 -11.39
N LYS A 233 -14.16 -7.95 -12.63
CA LYS A 233 -14.49 -6.76 -13.41
C LYS A 233 -15.44 -5.86 -12.63
N GLU A 234 -16.43 -6.46 -11.99
CA GLU A 234 -17.45 -5.74 -11.22
C GLU A 234 -16.88 -5.15 -9.95
N PHE A 235 -15.98 -5.88 -9.30
CA PHE A 235 -15.26 -5.41 -8.10
C PHE A 235 -14.53 -4.11 -8.42
N VAL A 236 -13.80 -4.10 -9.53
CA VAL A 236 -13.13 -2.91 -10.04
C VAL A 236 -14.16 -1.82 -10.35
N GLU A 237 -15.14 -2.17 -11.17
CA GLU A 237 -16.26 -1.30 -11.49
C GLU A 237 -16.89 -0.70 -10.22
N ALA A 238 -16.99 -1.50 -9.15
CA ALA A 238 -17.57 -1.07 -7.88
C ALA A 238 -16.70 -0.06 -7.14
N CYS A 239 -15.39 -0.35 -7.07
CA CYS A 239 -14.42 0.55 -6.45
C CYS A 239 -14.27 1.85 -7.23
N LEU A 240 -14.14 1.74 -8.54
CA LEU A 240 -13.91 2.90 -9.39
C LEU A 240 -15.21 3.61 -9.75
N ASN A 241 -15.67 4.43 -8.82
CA ASN A 241 -16.84 5.27 -9.04
C ASN A 241 -16.41 6.70 -8.77
N LYS A 242 -16.88 7.62 -9.62
CA LYS A 242 -16.52 9.03 -9.52
C LYS A 242 -17.12 9.68 -8.27
N GLU A 243 -18.26 9.15 -7.82
CA GLU A 243 -18.91 9.61 -6.59
C GLU A 243 -18.45 8.79 -5.38
N PRO A 244 -17.59 9.39 -4.55
CA PRO A 244 -17.04 8.78 -3.33
C PRO A 244 -18.05 7.90 -2.60
N SER A 245 -19.22 8.46 -2.31
CA SER A 245 -20.25 7.79 -1.51
C SER A 245 -20.84 6.53 -2.13
N PHE A 246 -20.65 6.35 -3.44
CA PHE A 246 -21.17 5.18 -4.15
C PHE A 246 -20.14 4.06 -4.33
N ARG A 247 -18.91 4.32 -3.90
CA ARG A 247 -17.91 3.25 -3.75
C ARG A 247 -18.26 2.55 -2.44
N PRO A 248 -18.05 1.22 -2.36
CA PRO A 248 -18.34 0.53 -1.10
C PRO A 248 -17.22 0.72 -0.09
N THR A 249 -17.50 0.42 1.18
CA THR A 249 -16.48 0.44 2.23
C THR A 249 -15.67 -0.85 2.17
N ALA A 250 -14.46 -0.84 2.73
CA ALA A 250 -13.60 -2.03 2.79
C ALA A 250 -14.34 -3.25 3.34
N LYS A 251 -15.01 -3.07 4.48
CA LYS A 251 -15.77 -4.14 5.12
C LYS A 251 -16.75 -4.75 4.13
N GLU A 252 -17.48 -3.88 3.42
CA GLU A 252 -18.43 -4.31 2.42
C GLU A 252 -17.76 -5.06 1.26
N LEU A 253 -16.62 -4.54 0.80
CA LEU A 253 -15.88 -5.19 -0.27
C LEU A 253 -15.25 -6.53 0.14
N LEU A 254 -15.10 -6.74 1.45
CA LEU A 254 -14.61 -8.01 1.99
C LEU A 254 -15.62 -9.13 1.77
N LYS A 255 -16.89 -8.77 1.70
CA LYS A 255 -17.98 -9.73 1.45
C LYS A 255 -18.44 -9.71 -0.01
N HIS A 256 -17.73 -8.97 -0.85
CA HIS A 256 -18.01 -8.95 -2.27
C HIS A 256 -17.75 -10.35 -2.84
N LYS A 257 -18.46 -10.67 -3.93
CA LYS A 257 -18.42 -11.99 -4.57
C LYS A 257 -17.04 -12.42 -5.01
N PHE A 258 -16.33 -11.54 -5.73
CA PHE A 258 -15.06 -11.91 -6.33
C PHE A 258 -14.10 -12.36 -5.25
N ILE A 259 -13.98 -11.55 -4.19
CA ILE A 259 -13.17 -11.89 -3.04
C ILE A 259 -13.53 -13.29 -2.53
N LEU A 260 -14.82 -13.49 -2.27
CA LEU A 260 -15.29 -14.70 -1.58
C LEU A 260 -15.20 -16.02 -2.33
N ARG A 261 -15.27 -15.95 -3.67
CA ARG A 261 -15.22 -17.17 -4.50
C ARG A 261 -13.80 -17.57 -4.93
N ASN A 262 -12.86 -16.61 -4.87
CA ASN A 262 -11.51 -16.82 -5.39
C ASN A 262 -10.40 -16.81 -4.33
N ALA A 263 -10.60 -16.04 -3.25
CA ALA A 263 -9.57 -15.91 -2.21
C ALA A 263 -9.43 -17.17 -1.36
N LYS A 264 -8.21 -17.71 -1.32
CA LYS A 264 -7.88 -18.89 -0.51
C LYS A 264 -6.82 -18.52 0.52
N LYS A 265 -6.32 -19.52 1.26
CA LYS A 265 -5.28 -19.33 2.30
C LYS A 265 -4.10 -18.48 1.82
N THR A 266 -3.67 -17.54 2.66
CA THR A 266 -2.57 -16.64 2.32
C THR A 266 -1.21 -17.33 2.38
N SER A 267 -1.20 -18.61 2.76
CA SER A 267 0.03 -19.39 2.75
C SER A 267 0.33 -19.85 1.32
N TYR A 268 -0.70 -19.96 0.50
CA TYR A 268 -0.56 -20.29 -0.92
C TYR A 268 0.12 -19.17 -1.71
N LEU A 269 0.55 -18.12 -1.00
CA LEU A 269 1.25 -17.00 -1.60
C LEU A 269 2.77 -17.14 -1.49
N THR A 270 3.22 -18.13 -0.71
CA THR A 270 4.62 -18.56 -0.67
C THR A 270 5.07 -18.92 -2.07
N GLU A 271 4.09 -19.29 -2.90
CA GLU A 271 4.30 -19.73 -4.26
C GLU A 271 4.67 -18.54 -5.14
N LEU A 272 3.92 -17.44 -5.00
CA LEU A 272 4.16 -16.18 -5.73
C LEU A 272 5.52 -15.61 -5.37
N ILE A 273 5.88 -15.72 -4.09
CA ILE A 273 7.16 -15.29 -3.57
C ILE A 273 8.30 -16.14 -4.16
N ASP A 274 8.04 -17.43 -4.38
CA ASP A 274 9.04 -18.32 -4.99
C ASP A 274 9.27 -17.96 -6.45
N ARG A 275 8.18 -17.85 -7.20
CA ARG A 275 8.21 -17.45 -8.60
C ARG A 275 9.07 -16.18 -8.81
N TYR A 276 9.00 -15.24 -7.86
CA TYR A 276 9.85 -14.06 -7.91
C TYR A 276 11.32 -14.42 -7.68
N LYS A 277 11.61 -15.23 -6.66
CA LYS A 277 12.98 -15.62 -6.32
C LYS A 277 13.65 -16.32 -7.51
N ARG A 278 12.97 -17.31 -8.10
CA ARG A 278 13.47 -18.02 -9.28
C ARG A 278 13.70 -17.08 -10.46
N TRP A 279 12.81 -16.10 -10.61
CA TRP A 279 12.92 -15.13 -11.67
C TRP A 279 14.05 -14.12 -11.46
N LYS A 280 14.16 -13.60 -10.23
CA LYS A 280 15.12 -12.55 -9.86
C LYS A 280 16.57 -13.05 -9.91
N ALA A 281 16.77 -14.32 -9.57
CA ALA A 281 18.08 -14.95 -9.61
C ALA A 281 18.51 -15.32 -11.03
N GLU A 282 17.58 -15.31 -11.97
CA GLU A 282 17.84 -15.64 -13.37
C GLU A 282 18.18 -14.40 -14.19
N GLN A 283 18.12 -13.23 -13.54
CA GLN A 283 18.24 -11.89 -14.16
C GLN A 283 16.94 -11.51 -14.87
O4 STU B . 11.59 -0.37 -0.04
C25 STU B . 11.33 -1.69 -0.43
C24 STU B . 10.27 -1.84 -1.51
C23 STU B . 9.77 -0.44 -1.98
C22 STU B . 9.30 0.32 -0.72
C21 STU B . 10.48 0.45 0.25
C26 STU B . 10.98 1.90 0.02
N2 STU B . 9.99 0.31 1.61
C18 STU B . 10.02 -0.90 2.29
C19 STU B . 10.51 -2.16 1.89
C6 STU B . 10.44 -3.25 2.77
C7 STU B . 9.89 -3.07 4.07
C10 STU B . 9.41 -1.83 4.45
C11 STU B . 9.47 -0.74 3.57
C12 STU B . 9.07 0.66 3.66
C17 STU B . 9.40 1.26 2.42
C16 STU B . 9.13 2.62 2.22
C15 STU B . 8.53 3.32 3.25
C14 STU B . 8.20 2.72 4.45
C13 STU B . 8.46 1.38 4.69
C9 STU B . 8.88 -1.97 5.84
N1 STU B . 9.11 -3.37 6.20
C8 STU B . 9.68 -4.00 5.18
O5 STU B . 10.00 -5.18 5.17
C5 STU B . 11.02 -4.38 2.06
C20 STU B . 11.41 -3.91 0.79
C1 STU B . 12.01 -4.78 -0.13
C2 STU B . 12.19 -6.10 0.28
C3 STU B . 11.81 -6.56 1.53
C4 STU B . 11.22 -5.71 2.46
N3 STU B . 11.08 -2.56 0.73
O6 STU B . 8.28 -0.47 -0.09
C27 STU B . 7.05 0.26 -0.11
N4 STU B . 8.66 -0.48 -2.95
C28 STU B . 8.45 -1.84 -3.48
#